data_3EWI
#
_entry.id   3EWI
#
_cell.length_a   121.090
_cell.length_b   37.490
_cell.length_c   78.830
_cell.angle_alpha   90.00
_cell.angle_beta   116.30
_cell.angle_gamma   90.00
#
_symmetry.space_group_name_H-M   'C 1 2 1'
#
loop_
_entity.id
_entity.type
_entity.pdbx_description
1 polymer 'N-acylneuraminate cytidylyltransferase'
2 water water
#
_entity_poly.entity_id   1
_entity_poly.type   'polypeptide(L)'
_entity_poly.pdbx_seq_one_letter_code
;GSKEKLKEIKLLVCNIDGCLTNGHIYVSGDQKEIISYDVKDAIGISLLKKSGIEVRLISERACSKQTLSALKLDCKTEVS
VSDKLATVDEWRKEMGLCWKEVAYLGNEVSDEECLKRVGLSAVPADACSGAQKAVGYICKCSGGRGAIREFAEHIFLLIE
KVNNSCQK
;
_entity_poly.pdbx_strand_id   A,B
#
# COMPACT_ATOMS: atom_id res chain seq x y z
N LYS A 7 -2.82 18.33 20.24
CA LYS A 7 -4.06 18.58 19.51
C LYS A 7 -4.20 17.65 18.32
N GLU A 8 -5.44 17.25 18.02
CA GLU A 8 -5.71 16.25 16.97
C GLU A 8 -5.36 16.73 15.56
N ILE A 9 -4.70 15.86 14.79
CA ILE A 9 -4.35 16.19 13.41
C ILE A 9 -5.63 16.20 12.57
N LYS A 10 -5.77 17.22 11.73
CA LYS A 10 -6.91 17.31 10.82
C LYS A 10 -6.47 17.55 9.37
N LEU A 11 -5.21 17.87 9.17
CA LEU A 11 -4.67 18.07 7.83
C LEU A 11 -3.26 17.53 7.73
N LEU A 12 -3.02 16.66 6.74
CA LEU A 12 -1.68 16.22 6.38
C LEU A 12 -1.29 16.74 5.00
N VAL A 13 -0.11 17.35 4.94
CA VAL A 13 0.43 17.84 3.69
C VAL A 13 1.67 17.00 3.40
N CYS A 14 1.72 16.48 2.17
CA CYS A 14 2.84 15.70 1.69
CA CYS A 14 2.83 15.69 1.70
C CYS A 14 3.48 16.33 0.48
N ASN A 15 4.81 16.42 0.49
CA ASN A 15 5.53 16.83 -0.69
C ASN A 15 5.44 15.67 -1.72
N ILE A 16 5.41 15.99 -3.02
CA ILE A 16 5.21 14.95 -4.02
C ILE A 16 6.47 14.17 -4.34
N ASP A 17 7.51 14.85 -4.85
CA ASP A 17 8.69 14.11 -5.33
C ASP A 17 9.57 13.66 -4.16
N GLY A 18 9.83 12.35 -4.04
CA GLY A 18 10.70 11.86 -2.97
C GLY A 18 10.00 11.64 -1.64
N CYS A 19 8.68 11.81 -1.64
CA CYS A 19 7.85 11.50 -0.49
CA CYS A 19 7.82 11.50 -0.48
C CYS A 19 6.68 10.60 -0.92
N LEU A 20 5.73 11.18 -1.68
CA LEU A 20 4.71 10.39 -2.31
C LEU A 20 5.31 9.48 -3.41
N THR A 21 6.12 10.04 -4.29
CA THR A 21 6.85 9.19 -5.23
C THR A 21 8.21 8.82 -4.62
N ASN A 22 8.91 7.88 -5.23
CA ASN A 22 10.27 7.56 -4.80
C ASN A 22 11.33 8.50 -5.39
N GLY A 23 10.87 9.57 -6.05
CA GLY A 23 11.78 10.59 -6.59
C GLY A 23 12.37 10.28 -7.95
N HIS A 24 12.08 9.09 -8.47
CA HIS A 24 12.69 8.65 -9.70
C HIS A 24 11.85 8.94 -10.92
N ILE A 25 12.55 9.34 -11.97
CA ILE A 25 11.94 9.39 -13.28
C ILE A 25 12.47 8.24 -14.11
N TYR A 26 11.58 7.31 -14.48
CA TYR A 26 11.89 6.14 -15.28
C TYR A 26 11.64 6.40 -16.77
N VAL A 27 12.70 6.35 -17.57
CA VAL A 27 12.60 6.69 -18.99
C VAL A 27 12.99 5.52 -19.92
N SER A 28 12.46 5.52 -21.15
CA SER A 28 12.76 4.49 -22.13
C SER A 28 12.97 4.99 -23.56
N GLY A 29 12.00 5.75 -24.06
CA GLY A 29 12.06 6.27 -25.42
C GLY A 29 10.67 6.46 -26.01
N ASP A 30 9.81 5.47 -25.82
CA ASP A 30 8.39 5.62 -26.02
C ASP A 30 8.02 6.33 -24.79
N GLN A 31 8.87 7.27 -24.43
CA GLN A 31 8.80 7.75 -23.07
C GLN A 31 7.87 8.88 -22.76
N LYS A 32 6.60 8.50 -22.61
CA LYS A 32 5.78 9.15 -21.62
C LYS A 32 6.47 8.65 -20.36
N GLU A 33 6.70 9.54 -19.41
CA GLU A 33 7.56 9.22 -18.28
C GLU A 33 6.81 8.45 -17.23
N ILE A 34 7.55 7.57 -16.56
CA ILE A 34 7.03 6.71 -15.51
C ILE A 34 7.52 7.18 -14.14
N ILE A 35 6.62 7.13 -13.16
CA ILE A 35 6.95 7.42 -11.78
C ILE A 35 6.53 6.23 -10.94
N SER A 36 7.02 6.14 -9.72
CA SER A 36 6.76 5.00 -8.87
C SER A 36 6.31 5.42 -7.50
N TYR A 37 5.33 4.69 -6.97
CA TYR A 37 4.85 4.88 -5.61
C TYR A 37 4.51 3.51 -5.00
N ASP A 38 4.11 3.49 -3.72
CA ASP A 38 3.84 2.27 -2.96
C ASP A 38 2.36 2.27 -2.58
N VAL A 39 1.69 1.16 -2.87
CA VAL A 39 0.29 0.92 -2.50
C VAL A 39 0.04 1.13 -0.99
N LYS A 40 0.99 0.70 -0.16
CA LYS A 40 0.97 0.96 1.29
C LYS A 40 0.65 2.44 1.57
N ASP A 41 1.25 3.33 0.78
CA ASP A 41 1.14 4.79 1.01
C ASP A 41 -0.18 5.35 0.53
N ALA A 42 -0.63 4.88 -0.63
CA ALA A 42 -1.97 5.18 -1.13
C ALA A 42 -3.06 4.76 -0.14
N ILE A 43 -2.92 3.57 0.44
CA ILE A 43 -3.88 3.11 1.42
C ILE A 43 -3.74 3.91 2.73
N GLY A 44 -2.53 4.35 3.04
CA GLY A 44 -2.29 5.15 4.23
C GLY A 44 -3.09 6.44 4.07
N ILE A 45 -3.08 6.97 2.85
CA ILE A 45 -3.84 8.21 2.55
C ILE A 45 -5.34 7.90 2.67
N SER A 46 -5.77 6.79 2.10
CA SER A 46 -7.16 6.32 2.20
C SER A 46 -7.62 6.23 3.65
N LEU A 47 -6.77 5.65 4.51
CA LEU A 47 -7.11 5.46 5.92
C LEU A 47 -7.22 6.80 6.67
N LEU A 48 -6.34 7.74 6.35
CA LEU A 48 -6.36 9.06 6.99
C LEU A 48 -7.66 9.79 6.66
N LYS A 49 -8.05 9.72 5.39
CA LYS A 49 -9.24 10.38 4.89
C LYS A 49 -10.51 9.80 5.50
N LYS A 50 -10.52 8.48 5.66
CA LYS A 50 -11.67 7.81 6.28
C LYS A 50 -11.80 8.12 7.78
N SER A 51 -10.68 8.41 8.44
CA SER A 51 -10.70 8.79 9.87
C SER A 51 -11.06 10.25 10.06
N GLY A 52 -11.14 10.98 8.95
CA GLY A 52 -11.59 12.37 8.97
C GLY A 52 -10.45 13.36 8.79
N ILE A 53 -9.28 12.86 8.39
CA ILE A 53 -8.10 13.71 8.17
C ILE A 53 -7.92 13.97 6.67
N GLU A 54 -8.01 15.24 6.32
CA GLU A 54 -7.82 15.71 4.95
C GLU A 54 -6.34 15.61 4.58
N VAL A 55 -6.04 15.14 3.37
CA VAL A 55 -4.67 14.99 2.91
C VAL A 55 -4.47 15.80 1.65
N ARG A 56 -3.40 16.60 1.63
CA ARG A 56 -3.12 17.43 0.47
C ARG A 56 -1.69 17.26 0.02
N LEU A 57 -1.49 17.44 -1.28
CA LEU A 57 -0.20 17.26 -1.92
C LEU A 57 0.34 18.58 -2.44
N ILE A 58 1.66 18.68 -2.45
CA ILE A 58 2.32 19.92 -2.82
C ILE A 58 3.66 19.63 -3.49
N SER A 59 4.11 20.59 -4.30
CA SER A 59 5.41 20.53 -4.95
C SER A 59 5.82 21.93 -5.38
N GLU A 60 7.11 22.23 -5.21
CA GLU A 60 7.76 23.42 -5.74
C GLU A 60 7.85 23.37 -7.26
N ARG A 61 7.72 22.18 -7.84
CA ARG A 61 7.89 21.98 -9.28
C ARG A 61 6.62 21.53 -10.01
N ALA A 62 6.65 21.61 -11.34
CA ALA A 62 5.52 21.10 -12.13
C ALA A 62 5.29 19.62 -11.85
N CYS A 63 4.05 19.20 -11.79
CA CYS A 63 3.73 17.78 -11.69
C CYS A 63 2.47 17.53 -12.50
N SER A 64 2.55 16.51 -13.34
CA SER A 64 1.45 16.18 -14.23
C SER A 64 0.19 15.81 -13.46
N LYS A 65 -0.81 16.68 -13.57
CA LYS A 65 -2.19 16.44 -13.13
C LYS A 65 -2.65 15.03 -13.50
N GLN A 66 -2.43 14.69 -14.77
CA GLN A 66 -2.81 13.43 -15.36
C GLN A 66 -2.05 12.25 -14.76
N THR A 67 -0.74 12.38 -14.60
CA THR A 67 0.06 11.31 -13.97
C THR A 67 -0.38 11.06 -12.51
N LEU A 68 -0.69 12.12 -11.80
CA LEU A 68 -1.08 12.05 -10.39
C LEU A 68 -2.49 11.47 -10.24
N SER A 69 -3.40 11.90 -11.11
CA SER A 69 -4.75 11.32 -11.18
C SER A 69 -4.71 9.78 -11.34
N ALA A 70 -3.64 9.26 -11.92
CA ALA A 70 -3.45 7.82 -12.07
C ALA A 70 -3.24 7.11 -10.72
N LEU A 71 -2.89 7.86 -9.69
CA LEU A 71 -2.74 7.30 -8.34
C LEU A 71 -4.07 7.11 -7.61
N LYS A 72 -5.13 7.79 -8.10
CA LYS A 72 -6.50 7.67 -7.60
C LYS A 72 -6.62 8.00 -6.11
N LEU A 73 -5.91 9.05 -5.71
CA LEU A 73 -5.82 9.50 -4.32
C LEU A 73 -6.93 10.47 -3.93
N ASP A 74 -7.53 11.14 -4.91
CA ASP A 74 -8.56 12.17 -4.66
C ASP A 74 -8.12 13.16 -3.57
N CYS A 75 -6.94 13.75 -3.81
CA CYS A 75 -6.32 14.71 -2.89
C CYS A 75 -6.12 16.06 -3.56
N LYS A 76 -6.61 17.11 -2.91
CA LYS A 76 -6.37 18.47 -3.37
C LYS A 76 -4.86 18.66 -3.51
N THR A 77 -4.43 19.21 -4.64
CA THR A 77 -3.01 19.28 -4.98
C THR A 77 -2.68 20.68 -5.47
N GLU A 78 -1.52 21.20 -5.09
CA GLU A 78 -1.01 22.43 -5.69
C GLU A 78 0.43 22.22 -6.09
N VAL A 79 0.74 22.53 -7.34
CA VAL A 79 2.10 22.33 -7.86
C VAL A 79 2.72 23.63 -8.34
N SER A 80 4.00 23.58 -8.67
CA SER A 80 4.78 24.76 -9.00
C SER A 80 4.66 25.81 -7.88
N VAL A 81 4.57 25.36 -6.64
CA VAL A 81 4.35 26.25 -5.50
C VAL A 81 5.63 26.95 -5.03
N SER A 82 5.69 28.24 -5.32
CA SER A 82 6.80 29.13 -5.00
C SER A 82 7.08 29.25 -3.50
N ASP A 83 6.03 29.18 -2.68
CA ASP A 83 6.15 29.48 -1.27
C ASP A 83 5.20 28.55 -0.55
N LYS A 84 5.76 27.44 -0.07
CA LYS A 84 4.98 26.34 0.51
C LYS A 84 4.31 26.77 1.81
N LEU A 85 5.01 27.51 2.67
CA LEU A 85 4.38 27.98 3.91
C LEU A 85 3.14 28.85 3.66
N ALA A 86 3.24 29.80 2.72
CA ALA A 86 2.10 30.65 2.33
C ALA A 86 0.88 29.82 1.88
N THR A 87 1.14 28.77 1.11
CA THR A 87 0.08 27.89 0.62
C THR A 87 -0.53 27.04 1.75
N VAL A 88 0.32 26.42 2.55
CA VAL A 88 -0.17 25.64 3.69
C VAL A 88 -0.91 26.53 4.71
N ASP A 89 -0.40 27.73 4.96
CA ASP A 89 -1.11 28.71 5.78
C ASP A 89 -2.51 28.98 5.22
N GLU A 90 -2.62 29.14 3.90
N GLU A 90 -2.58 29.19 3.90
CA GLU A 90 -3.92 29.43 3.30
CA GLU A 90 -3.85 29.39 3.18
C GLU A 90 -4.87 28.23 3.37
C GLU A 90 -4.80 28.23 3.49
N TRP A 91 -4.33 27.01 3.25
CA TRP A 91 -5.11 25.79 3.48
C TRP A 91 -5.55 25.65 4.94
N ARG A 92 -4.64 25.98 5.86
CA ARG A 92 -4.91 25.90 7.30
C ARG A 92 -6.07 26.81 7.71
N LYS A 93 -6.04 28.05 7.22
CA LYS A 93 -7.10 29.02 7.48
C LYS A 93 -8.40 28.61 6.80
N GLU A 94 -8.27 28.25 5.51
CA GLU A 94 -9.39 27.71 4.72
C GLU A 94 -10.18 26.68 5.52
N MET A 95 -9.44 25.77 6.17
CA MET A 95 -10.01 24.66 6.93
C MET A 95 -10.34 25.00 8.38
N GLY A 96 -10.07 26.24 8.78
CA GLY A 96 -10.43 26.73 10.12
C GLY A 96 -9.58 26.12 11.21
N LEU A 97 -8.34 25.79 10.87
CA LEU A 97 -7.43 25.01 11.71
C LEU A 97 -6.34 25.84 12.36
N CYS A 98 -5.83 25.33 13.48
CA CYS A 98 -4.62 25.80 14.15
C CYS A 98 -3.42 25.16 13.48
N TRP A 99 -2.23 25.74 13.62
CA TRP A 99 -1.01 25.05 13.13
C TRP A 99 -0.80 23.68 13.80
N LYS A 100 -1.09 23.61 15.10
CA LYS A 100 -1.03 22.35 15.85
C LYS A 100 -1.92 21.21 15.29
N GLU A 101 -2.87 21.56 14.43
CA GLU A 101 -3.77 20.59 13.83
C GLU A 101 -3.25 20.08 12.46
N VAL A 102 -2.07 20.55 12.08
CA VAL A 102 -1.49 20.29 10.77
C VAL A 102 -0.25 19.40 10.88
N ALA A 103 -0.23 18.32 10.10
CA ALA A 103 0.95 17.47 9.95
C ALA A 103 1.61 17.71 8.58
N TYR A 104 2.93 17.54 8.52
CA TYR A 104 3.66 17.73 7.27
C TYR A 104 4.73 16.67 7.12
N LEU A 105 4.64 15.94 6.02
CA LEU A 105 5.69 15.00 5.61
C LEU A 105 6.40 15.60 4.41
N GLY A 106 7.67 15.92 4.59
CA GLY A 106 8.46 16.56 3.54
C GLY A 106 9.93 16.23 3.64
N ASN A 107 10.70 16.68 2.65
CA ASN A 107 11.96 16.04 2.31
C ASN A 107 12.99 17.04 1.80
N GLU A 108 12.57 17.92 0.90
CA GLU A 108 13.47 18.91 0.32
C GLU A 108 13.64 20.12 1.24
N VAL A 109 14.50 21.04 0.83
CA VAL A 109 14.72 22.27 1.60
C VAL A 109 13.46 23.13 1.59
N SER A 110 12.76 23.15 0.46
CA SER A 110 11.56 24.00 0.31
C SER A 110 10.44 23.61 1.27
N ASP A 111 10.57 22.43 1.90
CA ASP A 111 9.61 21.97 2.90
C ASP A 111 9.94 22.45 4.28
N GLU A 112 11.17 22.93 4.50
CA GLU A 112 11.69 23.14 5.86
C GLU A 112 10.89 24.14 6.75
N GLU A 113 10.41 25.24 6.17
CA GLU A 113 9.61 26.21 6.93
C GLU A 113 8.35 25.58 7.50
N CYS A 114 7.64 24.87 6.63
CA CYS A 114 6.45 24.14 6.98
C CYS A 114 6.71 23.08 8.03
N LEU A 115 7.81 22.36 7.85
CA LEU A 115 8.22 21.30 8.79
C LEU A 115 8.38 21.88 10.19
N LYS A 116 8.91 23.08 10.25
CA LYS A 116 9.11 23.73 11.54
C LYS A 116 7.86 24.36 12.18
N ARG A 117 6.82 24.67 11.39
CA ARG A 117 5.65 25.42 11.92
C ARG A 117 4.55 24.48 12.40
N VAL A 118 4.39 23.37 11.70
CA VAL A 118 3.23 22.47 11.87
C VAL A 118 3.24 21.77 13.24
N GLY A 119 2.08 21.35 13.70
CA GLY A 119 2.00 20.60 14.95
C GLY A 119 2.78 19.28 14.89
N LEU A 120 2.78 18.63 13.72
CA LEU A 120 3.45 17.32 13.59
C LEU A 120 4.26 17.12 12.31
N SER A 121 5.58 17.17 12.43
CA SER A 121 6.42 17.07 11.23
C SER A 121 7.14 15.73 11.10
N ALA A 122 7.37 15.32 9.85
CA ALA A 122 8.20 14.13 9.52
C ALA A 122 8.93 14.23 8.18
N VAL A 123 9.93 13.36 8.01
CA VAL A 123 10.58 13.18 6.71
C VAL A 123 10.79 11.66 6.43
N PRO A 124 10.83 11.25 5.14
CA PRO A 124 11.20 9.86 4.88
C PRO A 124 12.67 9.66 5.15
N ALA A 125 13.10 8.39 5.22
CA ALA A 125 14.48 8.05 5.59
C ALA A 125 15.53 8.71 4.72
N ASP A 126 15.19 8.93 3.45
CA ASP A 126 16.14 9.37 2.43
C ASP A 126 15.99 10.85 2.05
N ALA A 127 15.40 11.60 2.97
CA ALA A 127 15.18 13.03 2.82
C ALA A 127 16.51 13.76 2.94
N CYS A 128 16.62 14.96 2.36
CA CYS A 128 17.85 15.75 2.44
C CYS A 128 18.21 16.05 3.89
N SER A 129 19.50 16.29 4.15
CA SER A 129 20.00 16.48 5.51
C SER A 129 19.32 17.64 6.24
N GLY A 130 19.00 18.70 5.50
CA GLY A 130 18.36 19.89 6.07
C GLY A 130 16.95 19.65 6.58
N ALA A 131 16.20 18.83 5.84
CA ALA A 131 14.84 18.44 6.21
C ALA A 131 14.82 17.53 7.45
N GLN A 132 15.76 16.59 7.49
CA GLN A 132 15.89 15.65 8.60
C GLN A 132 16.09 16.39 9.92
N LYS A 133 16.94 17.42 9.89
CA LYS A 133 17.15 18.34 11.03
C LYS A 133 15.90 19.13 11.47
N ALA A 134 14.94 19.32 10.58
CA ALA A 134 13.80 20.21 10.82
C ALA A 134 12.60 19.53 11.51
N VAL A 135 12.70 18.23 11.78
CA VAL A 135 11.53 17.46 12.19
C VAL A 135 11.68 16.69 13.49
N GLY A 136 10.56 16.26 14.05
CA GLY A 136 10.59 15.41 15.25
C GLY A 136 10.59 13.91 14.95
N TYR A 137 10.34 13.55 13.71
CA TYR A 137 10.24 12.15 13.31
C TYR A 137 10.87 11.88 11.94
N ILE A 138 11.91 11.04 11.92
CA ILE A 138 12.50 10.55 10.66
C ILE A 138 12.03 9.10 10.46
N CYS A 139 11.33 8.87 9.36
CA CYS A 139 10.76 7.56 9.03
C CYS A 139 11.86 6.54 8.77
N LYS A 140 11.59 5.28 9.12
CA LYS A 140 12.44 4.15 8.73
C LYS A 140 12.39 3.94 7.22
N CYS A 141 11.15 3.98 6.69
CA CYS A 141 10.87 3.88 5.26
C CYS A 141 11.28 5.09 4.47
N SER A 142 11.70 4.80 3.24
CA SER A 142 12.06 5.82 2.26
C SER A 142 10.88 6.35 1.45
N GLY A 143 11.14 7.44 0.73
CA GLY A 143 10.13 8.12 -0.07
C GLY A 143 9.58 7.22 -1.15
N GLY A 144 8.26 7.25 -1.29
CA GLY A 144 7.56 6.45 -2.27
C GLY A 144 7.58 4.96 -1.93
N ARG A 145 8.07 4.62 -0.75
CA ARG A 145 8.23 3.22 -0.34
C ARG A 145 7.82 3.01 1.13
N GLY A 146 6.74 3.66 1.53
CA GLY A 146 6.11 3.32 2.80
C GLY A 146 6.15 4.42 3.87
N ALA A 147 6.77 5.55 3.55
CA ALA A 147 6.98 6.60 4.54
C ALA A 147 5.69 7.32 4.89
N ILE A 148 4.84 7.53 3.88
CA ILE A 148 3.51 8.10 4.15
C ILE A 148 2.69 7.13 5.06
N ARG A 149 2.74 5.82 4.80
CA ARG A 149 1.97 4.87 5.62
C ARG A 149 2.51 4.85 7.04
N GLU A 150 3.84 4.93 7.17
CA GLU A 150 4.50 4.86 8.48
C GLU A 150 4.04 6.06 9.33
N PHE A 151 4.15 7.22 8.73
CA PHE A 151 3.73 8.48 9.36
C PHE A 151 2.23 8.45 9.73
N ALA A 152 1.38 8.00 8.81
CA ALA A 152 -0.06 7.82 9.06
C ALA A 152 -0.37 6.98 10.30
N GLU A 153 0.31 5.83 10.43
CA GLU A 153 0.20 4.98 11.62
C GLU A 153 0.68 5.70 12.88
N HIS A 154 1.79 6.42 12.77
CA HIS A 154 2.33 7.23 13.85
C HIS A 154 1.24 8.23 14.30
N ILE A 155 0.57 8.86 13.34
CA ILE A 155 -0.52 9.80 13.62
C ILE A 155 -1.70 9.12 14.37
N PHE A 156 -2.10 7.92 13.94
CA PHE A 156 -3.17 7.17 14.58
C PHE A 156 -2.86 6.82 16.03
N LEU A 157 -1.60 6.43 16.28
CA LEU A 157 -1.14 6.13 17.62
C LEU A 157 -1.18 7.35 18.56
N LEU A 158 -0.90 8.52 18.00
CA LEU A 158 -1.02 9.79 18.73
C LEU A 158 -2.47 10.12 19.09
N ILE A 159 -3.38 9.96 18.12
CA ILE A 159 -4.81 10.21 18.35
C ILE A 159 -5.37 9.37 19.49
N GLU A 160 -4.94 8.12 19.60
CA GLU A 160 -5.48 7.29 20.68
C GLU A 160 -4.72 7.46 21.97
N LYS A 161 -3.53 7.99 21.86
CA LYS A 161 -2.75 8.34 23.05
C LYS A 161 -3.33 9.56 23.75
N VAL A 162 -3.97 10.45 22.98
CA VAL A 162 -4.58 11.67 23.50
C VAL A 162 -6.03 11.47 23.95
N ASN A 163 -6.68 10.42 23.45
CA ASN A 163 -8.10 10.14 23.73
C ASN A 163 -8.31 9.08 24.81
N GLU B 8 -7.76 -30.69 4.46
CA GLU B 8 -7.88 -30.10 3.14
C GLU B 8 -7.39 -28.65 3.13
N ILE B 9 -6.80 -28.25 2.01
CA ILE B 9 -6.97 -26.87 1.50
C ILE B 9 -7.30 -27.04 0.02
N LYS B 10 -8.36 -26.39 -0.46
CA LYS B 10 -8.80 -26.50 -1.86
C LYS B 10 -8.70 -25.16 -2.62
N LEU B 11 -8.65 -24.06 -1.87
CA LEU B 11 -8.53 -22.73 -2.45
C LEU B 11 -7.53 -21.91 -1.66
N LEU B 12 -6.61 -21.28 -2.38
CA LEU B 12 -5.80 -20.22 -1.82
C LEU B 12 -6.16 -18.93 -2.55
N VAL B 13 -6.49 -17.91 -1.77
CA VAL B 13 -6.76 -16.58 -2.30
C VAL B 13 -5.58 -15.69 -1.90
N CYS B 14 -5.09 -14.93 -2.86
CA CYS B 14 -3.92 -14.10 -2.69
CA CYS B 14 -3.94 -14.07 -2.66
C CYS B 14 -4.26 -12.65 -3.03
N ASN B 15 -4.00 -11.74 -2.11
CA ASN B 15 -4.10 -10.31 -2.43
C ASN B 15 -2.97 -9.96 -3.42
N ILE B 16 -3.30 -9.18 -4.43
CA ILE B 16 -2.34 -8.79 -5.44
C ILE B 16 -1.24 -7.87 -4.91
N ASP B 17 -1.62 -6.65 -4.51
CA ASP B 17 -0.62 -5.64 -4.12
C ASP B 17 -0.13 -5.89 -2.72
N GLY B 18 1.12 -6.30 -2.61
CA GLY B 18 1.69 -6.60 -1.31
C GLY B 18 1.86 -8.06 -0.95
N CYS B 19 1.25 -8.96 -1.74
CA CYS B 19 1.49 -10.42 -1.55
C CYS B 19 2.08 -11.03 -2.81
N LEU B 20 1.32 -11.00 -3.91
CA LEU B 20 1.85 -11.31 -5.21
C LEU B 20 2.98 -10.37 -5.63
N THR B 21 2.78 -9.07 -5.42
CA THR B 21 3.79 -8.09 -5.76
C THR B 21 4.36 -7.48 -4.49
N ASN B 22 5.41 -6.69 -4.62
CA ASN B 22 6.00 -6.00 -3.50
C ASN B 22 5.23 -4.73 -3.16
N GLY B 23 4.15 -4.50 -3.90
CA GLY B 23 3.30 -3.32 -3.64
C GLY B 23 3.76 -2.06 -4.39
N HIS B 24 4.94 -2.11 -5.01
CA HIS B 24 5.38 -1.04 -5.92
C HIS B 24 4.55 -0.96 -7.19
N ILE B 25 4.14 0.26 -7.55
CA ILE B 25 3.47 0.49 -8.82
C ILE B 25 4.33 1.46 -9.61
N TYR B 26 4.44 1.22 -10.90
CA TYR B 26 5.10 2.12 -11.83
C TYR B 26 4.00 2.55 -12.77
N VAL B 27 3.78 3.84 -12.84
CA VAL B 27 2.64 4.34 -13.62
C VAL B 27 3.01 5.52 -14.51
N SER B 28 2.37 5.56 -15.67
CA SER B 28 2.53 6.61 -16.64
C SER B 28 1.30 7.55 -16.70
N GLY B 29 1.48 8.71 -17.31
CA GLY B 29 0.40 9.68 -17.51
C GLY B 29 -0.77 9.15 -18.33
N ASP B 30 -0.50 8.17 -19.20
CA ASP B 30 -1.57 7.49 -19.96
C ASP B 30 -2.11 6.29 -19.18
N GLN B 31 -1.82 6.27 -17.88
CA GLN B 31 -2.31 5.28 -16.90
C GLN B 31 -1.86 3.83 -17.15
N LYS B 32 -0.85 3.64 -17.99
CA LYS B 32 -0.23 2.33 -18.14
C LYS B 32 0.56 2.02 -16.85
N GLU B 33 0.42 0.80 -16.35
CA GLU B 33 1.10 0.39 -15.12
C GLU B 33 1.97 -0.80 -15.35
N ILE B 34 3.14 -0.77 -14.71
CA ILE B 34 4.03 -1.92 -14.60
C ILE B 34 3.98 -2.42 -13.16
N ILE B 35 3.77 -3.73 -13.01
CA ILE B 35 3.94 -4.39 -11.73
C ILE B 35 4.74 -5.66 -12.02
N SER B 36 5.24 -6.33 -11.00
CA SER B 36 6.04 -7.52 -11.27
C SER B 36 5.77 -8.61 -10.26
N TYR B 37 6.14 -9.85 -10.60
CA TYR B 37 6.07 -10.93 -9.63
C TYR B 37 7.40 -11.69 -9.73
N ASP B 38 7.74 -12.40 -8.69
CA ASP B 38 8.95 -13.19 -8.69
C ASP B 38 8.68 -14.59 -9.23
N VAL B 39 9.62 -15.05 -10.05
CA VAL B 39 9.65 -16.44 -10.55
C VAL B 39 9.35 -17.51 -9.47
N LYS B 40 9.98 -17.38 -8.29
CA LYS B 40 9.78 -18.25 -7.12
C LYS B 40 8.31 -18.46 -6.85
N ASP B 41 7.57 -17.35 -6.78
CA ASP B 41 6.17 -17.39 -6.40
C ASP B 41 5.28 -17.94 -7.50
N ALA B 42 5.60 -17.60 -8.74
CA ALA B 42 4.93 -18.18 -9.92
C ALA B 42 5.04 -19.68 -9.89
N ILE B 43 6.24 -20.17 -9.57
CA ILE B 43 6.47 -21.61 -9.45
C ILE B 43 5.59 -22.17 -8.34
N GLY B 44 5.47 -21.42 -7.24
CA GLY B 44 4.67 -21.86 -6.10
C GLY B 44 3.19 -21.94 -6.40
N ILE B 45 2.69 -20.99 -7.19
CA ILE B 45 1.33 -21.05 -7.75
C ILE B 45 1.16 -22.23 -8.73
N SER B 46 2.14 -22.43 -9.62
CA SER B 46 2.13 -23.58 -10.54
C SER B 46 1.98 -24.91 -9.78
N LEU B 47 2.75 -25.04 -8.70
CA LEU B 47 2.78 -26.26 -7.90
C LEU B 47 1.50 -26.51 -7.08
N LEU B 48 0.87 -25.46 -6.58
CA LEU B 48 -0.42 -25.59 -5.89
C LEU B 48 -1.51 -26.07 -6.87
N LYS B 49 -1.51 -25.46 -8.04
CA LYS B 49 -2.45 -25.79 -9.11
C LYS B 49 -2.28 -27.25 -9.57
N LYS B 50 -1.04 -27.65 -9.83
CA LYS B 50 -0.70 -29.04 -10.20
C LYS B 50 -1.33 -30.06 -9.24
N SER B 51 -1.26 -29.75 -7.95
CA SER B 51 -1.72 -30.66 -6.89
C SER B 51 -3.21 -30.58 -6.58
N GLY B 52 -3.93 -29.71 -7.28
CA GLY B 52 -5.40 -29.68 -7.19
C GLY B 52 -5.95 -28.46 -6.43
N ILE B 53 -5.05 -27.63 -5.91
CA ILE B 53 -5.46 -26.43 -5.18
C ILE B 53 -5.62 -25.25 -6.14
N GLU B 54 -6.84 -24.77 -6.26
CA GLU B 54 -7.12 -23.58 -7.05
C GLU B 54 -6.52 -22.31 -6.40
N VAL B 55 -5.87 -21.48 -7.21
CA VAL B 55 -5.34 -20.19 -6.73
C VAL B 55 -6.07 -19.04 -7.44
N ARG B 56 -6.60 -18.11 -6.65
CA ARG B 56 -7.29 -16.95 -7.20
C ARG B 56 -6.72 -15.63 -6.64
N LEU B 57 -6.74 -14.58 -7.45
CA LEU B 57 -6.13 -13.31 -7.07
C LEU B 57 -7.21 -12.26 -6.79
N ILE B 58 -6.98 -11.44 -5.77
CA ILE B 58 -8.00 -10.50 -5.31
C ILE B 58 -7.36 -9.14 -5.05
N SER B 59 -8.11 -8.05 -5.21
CA SER B 59 -7.60 -6.70 -4.94
C SER B 59 -8.71 -5.69 -4.63
N GLU B 60 -8.45 -4.79 -3.68
N GLU B 60 -8.44 -4.80 -3.68
CA GLU B 60 -9.32 -3.63 -3.44
CA GLU B 60 -9.26 -3.63 -3.40
C GLU B 60 -9.13 -2.58 -4.54
C GLU B 60 -9.12 -2.60 -4.51
N ARG B 61 -7.95 -2.60 -5.15
CA ARG B 61 -7.55 -1.60 -6.14
C ARG B 61 -8.13 -1.81 -7.53
N ALA B 62 -8.22 -0.70 -8.26
CA ALA B 62 -8.71 -0.65 -9.64
C ALA B 62 -7.60 -0.99 -10.62
N CYS B 63 -7.00 -2.19 -10.43
CA CYS B 63 -5.78 -2.58 -11.14
C CYS B 63 -5.89 -2.39 -12.64
N SER B 64 -4.84 -1.83 -13.23
CA SER B 64 -4.69 -1.67 -14.68
C SER B 64 -5.23 -2.90 -15.41
N LYS B 65 -6.04 -2.66 -16.43
CA LYS B 65 -7.08 -3.59 -16.85
C LYS B 65 -6.50 -4.96 -17.18
N GLN B 66 -5.62 -5.02 -18.18
CA GLN B 66 -4.99 -6.27 -18.52
C GLN B 66 -3.47 -6.38 -18.43
N THR B 67 -2.90 -5.55 -17.60
CA THR B 67 -1.68 -5.86 -16.89
C THR B 67 -1.90 -7.24 -16.23
N LEU B 68 -3.14 -7.47 -15.81
CA LEU B 68 -3.56 -8.71 -15.14
C LEU B 68 -3.29 -10.01 -15.92
N SER B 69 -3.77 -10.09 -17.16
CA SER B 69 -3.60 -11.32 -17.96
C SER B 69 -2.15 -11.48 -18.41
N ALA B 70 -1.46 -10.35 -18.57
CA ALA B 70 -0.05 -10.34 -18.94
C ALA B 70 0.84 -11.03 -17.91
N LEU B 71 0.25 -11.38 -16.76
CA LEU B 71 0.95 -12.11 -15.69
C LEU B 71 1.17 -13.57 -16.01
N LYS B 72 0.43 -14.08 -16.99
CA LYS B 72 0.48 -15.48 -17.41
C LYS B 72 0.40 -16.49 -16.25
N LEU B 73 -0.47 -16.22 -15.27
CA LEU B 73 -0.58 -17.07 -14.09
C LEU B 73 -1.78 -18.03 -14.07
N ASP B 74 -2.72 -17.82 -15.00
CA ASP B 74 -3.88 -18.69 -15.16
C ASP B 74 -4.74 -18.79 -13.88
N CYS B 75 -4.97 -17.63 -13.25
CA CYS B 75 -5.75 -17.55 -12.03
C CYS B 75 -6.92 -16.63 -12.31
N LYS B 76 -8.12 -17.05 -11.91
CA LYS B 76 -9.31 -16.20 -11.96
C LYS B 76 -9.04 -15.07 -10.96
N THR B 77 -9.33 -13.84 -11.38
CA THR B 77 -9.04 -12.67 -10.54
C THR B 77 -10.29 -11.77 -10.42
N GLU B 78 -10.34 -11.01 -9.33
CA GLU B 78 -11.37 -9.97 -9.17
C GLU B 78 -10.67 -8.79 -8.50
N VAL B 79 -10.73 -7.65 -9.18
CA VAL B 79 -10.14 -6.42 -8.66
C VAL B 79 -11.25 -5.46 -8.22
N SER B 80 -10.86 -4.27 -7.73
CA SER B 80 -11.84 -3.29 -7.27
C SER B 80 -12.83 -3.86 -6.25
N VAL B 81 -12.30 -4.59 -5.26
CA VAL B 81 -13.14 -5.26 -4.27
C VAL B 81 -13.20 -4.46 -2.97
N SER B 82 -14.41 -4.09 -2.57
CA SER B 82 -14.61 -3.35 -1.33
C SER B 82 -14.85 -4.26 -0.13
N ASP B 83 -15.48 -5.41 -0.37
CA ASP B 83 -15.77 -6.40 0.68
C ASP B 83 -15.15 -7.74 0.28
N LYS B 84 -13.88 -7.91 0.68
CA LYS B 84 -13.12 -9.12 0.32
C LYS B 84 -13.66 -10.39 0.96
N LEU B 85 -14.33 -10.25 2.12
CA LEU B 85 -14.96 -11.40 2.76
C LEU B 85 -16.13 -11.90 1.93
N ALA B 86 -16.89 -10.97 1.36
CA ALA B 86 -18.06 -11.31 0.53
C ALA B 86 -17.66 -12.11 -0.71
N THR B 87 -16.77 -11.54 -1.51
CA THR B 87 -16.29 -12.15 -2.75
C THR B 87 -15.63 -13.52 -2.52
N VAL B 88 -14.72 -13.61 -1.49
CA VAL B 88 -14.04 -14.86 -1.15
C VAL B 88 -15.07 -15.89 -0.71
N ASP B 89 -16.08 -15.42 0.02
CA ASP B 89 -17.20 -16.28 0.42
C ASP B 89 -18.09 -16.68 -0.78
N GLU B 90 -18.15 -15.80 -1.77
CA GLU B 90 -18.76 -16.14 -3.07
C GLU B 90 -18.01 -17.23 -3.84
N TRP B 91 -16.68 -17.11 -3.85
CA TRP B 91 -15.83 -18.13 -4.43
C TRP B 91 -16.01 -19.43 -3.65
N ARG B 92 -16.05 -19.32 -2.31
CA ARG B 92 -16.21 -20.47 -1.41
C ARG B 92 -17.44 -21.25 -1.79
N LYS B 93 -18.58 -20.56 -1.86
CA LYS B 93 -19.88 -21.16 -2.20
C LYS B 93 -19.86 -21.77 -3.62
N GLU B 94 -19.16 -21.12 -4.55
CA GLU B 94 -19.09 -21.59 -5.95
C GLU B 94 -18.37 -22.94 -6.09
N MET B 95 -17.18 -23.06 -5.51
CA MET B 95 -16.46 -24.33 -5.56
C MET B 95 -16.88 -25.30 -4.46
N GLY B 96 -18.11 -25.15 -3.97
CA GLY B 96 -18.73 -26.08 -3.00
C GLY B 96 -17.86 -26.31 -1.74
N LEU B 97 -17.25 -25.13 -1.28
CA LEU B 97 -16.14 -25.29 -0.34
C LEU B 97 -16.53 -24.93 1.09
N CYS B 98 -15.60 -25.42 2.00
CA CYS B 98 -15.67 -25.08 3.40
C CYS B 98 -14.57 -24.07 3.82
N TRP B 99 -14.90 -23.20 4.82
CA TRP B 99 -13.95 -22.13 5.26
C TRP B 99 -12.59 -22.67 5.72
N LYS B 100 -12.60 -23.90 6.26
CA LYS B 100 -11.37 -24.57 6.70
C LYS B 100 -10.46 -25.02 5.53
N GLU B 101 -11.07 -25.18 4.35
CA GLU B 101 -10.31 -25.56 3.16
C GLU B 101 -9.95 -24.30 2.33
N VAL B 102 -10.36 -23.11 2.82
CA VAL B 102 -9.91 -21.89 2.17
C VAL B 102 -8.64 -21.38 2.86
N ALA B 103 -7.58 -21.16 2.08
CA ALA B 103 -6.41 -20.45 2.56
C ALA B 103 -6.41 -19.02 2.01
N TYR B 104 -5.69 -18.14 2.70
CA TYR B 104 -5.62 -16.71 2.35
C TYR B 104 -4.27 -16.18 2.77
N LEU B 105 -3.54 -15.61 1.81
CA LEU B 105 -2.36 -14.83 2.11
C LEU B 105 -2.78 -13.36 1.93
N GLY B 106 -2.63 -12.61 3.01
CA GLY B 106 -3.08 -11.20 3.02
C GLY B 106 -2.00 -10.31 3.55
N ASN B 107 -2.18 -8.99 3.46
CA ASN B 107 -1.20 -8.06 3.97
C ASN B 107 -1.79 -6.76 4.57
N GLU B 108 -3.03 -6.48 4.20
CA GLU B 108 -3.67 -5.21 4.53
C GLU B 108 -4.86 -5.27 5.48
N VAL B 109 -5.20 -4.12 6.06
CA VAL B 109 -6.34 -4.00 6.93
C VAL B 109 -7.60 -4.53 6.26
N SER B 110 -7.72 -4.33 4.96
CA SER B 110 -8.93 -4.77 4.26
C SER B 110 -8.94 -6.30 4.11
N ASP B 111 -7.83 -6.95 4.44
CA ASP B 111 -7.72 -8.43 4.38
C ASP B 111 -8.15 -9.11 5.68
N GLU B 112 -8.27 -8.34 6.77
CA GLU B 112 -8.44 -8.92 8.11
C GLU B 112 -9.69 -9.81 8.29
N GLU B 113 -10.85 -9.34 7.79
CA GLU B 113 -12.09 -10.14 7.78
C GLU B 113 -11.88 -11.55 7.20
N CYS B 114 -11.18 -11.61 6.08
CA CYS B 114 -10.83 -12.87 5.44
C CYS B 114 -9.82 -13.67 6.24
N LEU B 115 -8.71 -13.03 6.64
CA LEU B 115 -7.66 -13.72 7.39
C LEU B 115 -8.18 -14.45 8.64
N LYS B 116 -9.02 -13.79 9.41
CA LYS B 116 -9.51 -14.34 10.68
C LYS B 116 -10.57 -15.45 10.47
N ARG B 117 -11.13 -15.48 9.25
CA ARG B 117 -12.25 -16.37 8.93
C ARG B 117 -11.79 -17.69 8.30
N VAL B 118 -10.75 -17.63 7.47
CA VAL B 118 -10.28 -18.77 6.68
C VAL B 118 -9.66 -19.89 7.53
N GLY B 119 -9.58 -21.10 6.96
CA GLY B 119 -8.94 -22.23 7.61
C GLY B 119 -7.45 -22.05 7.87
N LEU B 120 -6.73 -21.47 6.89
CA LEU B 120 -5.31 -21.20 7.04
C LEU B 120 -4.90 -19.80 6.56
N SER B 121 -4.47 -18.98 7.51
CA SER B 121 -4.12 -17.57 7.27
C SER B 121 -2.61 -17.34 7.33
N ALA B 122 -2.13 -16.48 6.45
CA ALA B 122 -0.74 -16.03 6.50
C ALA B 122 -0.57 -14.59 6.02
N VAL B 123 0.55 -13.99 6.38
CA VAL B 123 0.97 -12.72 5.80
C VAL B 123 2.45 -12.70 5.49
N PRO B 124 2.87 -11.84 4.53
CA PRO B 124 4.29 -11.65 4.31
C PRO B 124 4.95 -10.87 5.44
N ALA B 125 6.28 -10.91 5.47
CA ALA B 125 7.07 -10.30 6.54
C ALA B 125 6.74 -8.81 6.70
N ASP B 126 6.36 -8.16 5.60
CA ASP B 126 6.14 -6.70 5.58
C ASP B 126 4.66 -6.28 5.58
N ALA B 127 3.79 -7.16 6.05
CA ALA B 127 2.37 -6.85 6.16
C ALA B 127 2.15 -5.84 7.28
N CYS B 128 1.02 -5.13 7.22
CA CYS B 128 0.67 -4.22 8.29
C CYS B 128 0.48 -4.96 9.60
N SER B 129 0.74 -4.26 10.70
CA SER B 129 0.59 -4.79 12.04
C SER B 129 -0.75 -5.49 12.23
N GLY B 130 -1.82 -4.92 11.68
CA GLY B 130 -3.18 -5.44 11.84
C GLY B 130 -3.42 -6.79 11.18
N ALA B 131 -2.86 -6.96 9.99
CA ALA B 131 -2.95 -8.22 9.26
C ALA B 131 -2.11 -9.31 9.93
N GLN B 132 -0.95 -8.89 10.47
CA GLN B 132 -0.06 -9.77 11.24
C GLN B 132 -0.70 -10.36 12.49
N LYS B 133 -1.46 -9.53 13.22
CA LYS B 133 -2.19 -9.95 14.42
C LYS B 133 -3.33 -10.92 14.12
N ALA B 134 -3.84 -10.87 12.90
CA ALA B 134 -5.01 -11.65 12.50
C ALA B 134 -4.63 -13.08 12.11
N VAL B 135 -3.34 -13.32 11.90
CA VAL B 135 -2.88 -14.61 11.35
C VAL B 135 -2.05 -15.41 12.33
N GLY B 136 -1.91 -16.70 12.02
CA GLY B 136 -1.09 -17.63 12.79
C GLY B 136 0.17 -18.06 12.06
N TYR B 137 0.33 -17.59 10.82
CA TYR B 137 1.58 -17.81 10.09
C TYR B 137 2.12 -16.53 9.45
N ILE B 138 3.26 -16.09 9.95
CA ILE B 138 3.96 -14.93 9.40
C ILE B 138 5.20 -15.43 8.64
N CYS B 139 5.17 -15.23 7.33
CA CYS B 139 6.29 -15.55 6.44
C CYS B 139 7.55 -14.78 6.80
N LYS B 140 8.69 -15.47 6.72
CA LYS B 140 9.99 -14.82 6.71
C LYS B 140 10.17 -13.96 5.45
N CYS B 141 9.56 -14.38 4.33
CA CYS B 141 9.62 -13.64 3.06
C CYS B 141 8.60 -12.49 2.96
N SER B 142 8.97 -11.47 2.22
CA SER B 142 8.11 -10.30 2.01
C SER B 142 7.31 -10.47 0.73
N GLY B 143 6.33 -9.58 0.55
CA GLY B 143 5.38 -9.61 -0.53
C GLY B 143 6.11 -9.44 -1.82
N GLY B 144 5.73 -10.23 -2.83
CA GLY B 144 6.43 -10.19 -4.11
C GLY B 144 7.85 -10.75 -4.06
N ARG B 145 8.25 -11.32 -2.92
CA ARG B 145 9.63 -11.77 -2.79
CA ARG B 145 9.63 -11.75 -2.78
C ARG B 145 9.74 -13.14 -2.14
N GLY B 146 8.75 -14.00 -2.41
CA GLY B 146 8.83 -15.38 -1.95
C GLY B 146 7.80 -15.84 -0.95
N ALA B 147 6.86 -14.96 -0.60
CA ALA B 147 5.87 -15.22 0.44
C ALA B 147 4.84 -16.26 0.01
N ILE B 148 4.42 -16.17 -1.25
CA ILE B 148 3.52 -17.09 -1.88
C ILE B 148 4.18 -18.50 -1.92
N ARG B 149 5.44 -18.55 -2.36
CA ARG B 149 6.21 -19.80 -2.39
C ARG B 149 6.36 -20.37 -0.99
N GLU B 150 6.77 -19.51 -0.05
CA GLU B 150 6.94 -19.87 1.35
C GLU B 150 5.66 -20.47 1.97
N PHE B 151 4.54 -19.79 1.74
CA PHE B 151 3.23 -20.22 2.22
C PHE B 151 2.77 -21.52 1.54
N ALA B 152 2.98 -21.63 0.22
CA ALA B 152 2.68 -22.86 -0.53
C ALA B 152 3.32 -24.08 0.11
N GLU B 153 4.60 -23.98 0.45
CA GLU B 153 5.36 -25.07 1.10
C GLU B 153 4.83 -25.36 2.52
N HIS B 154 4.26 -24.34 3.15
CA HIS B 154 3.57 -24.54 4.41
C HIS B 154 2.27 -25.31 4.19
N ILE B 155 1.59 -25.03 3.09
CA ILE B 155 0.32 -25.69 2.79
C ILE B 155 0.55 -27.17 2.49
N PHE B 156 1.54 -27.45 1.64
CA PHE B 156 1.88 -28.83 1.30
C PHE B 156 2.25 -29.65 2.53
N LEU B 157 2.85 -29.01 3.54
CA LEU B 157 3.12 -29.69 4.82
C LEU B 157 1.85 -30.11 5.55
N LEU B 158 0.79 -29.30 5.48
CA LEU B 158 -0.51 -29.64 6.06
C LEU B 158 -1.17 -30.81 5.35
N ILE B 159 -1.09 -30.82 4.01
CA ILE B 159 -1.68 -31.91 3.25
C ILE B 159 -0.93 -33.23 3.51
N GLU B 160 0.40 -33.13 3.65
CA GLU B 160 1.24 -34.27 4.08
C GLU B 160 0.76 -34.88 5.39
N LYS B 161 0.45 -34.00 6.36
CA LYS B 161 -0.02 -34.43 7.67
C LYS B 161 -1.33 -35.23 7.58
N VAL B 162 -2.24 -34.79 6.72
CA VAL B 162 -3.49 -35.50 6.47
C VAL B 162 -3.27 -36.80 5.69
N ASN B 163 -2.29 -36.78 4.77
CA ASN B 163 -1.99 -37.93 3.92
C ASN B 163 -1.28 -39.08 4.65
N ASN B 164 -0.39 -38.73 5.57
CA ASN B 164 0.36 -39.70 6.35
C ASN B 164 -0.32 -40.05 7.67
N SER B 165 -1.48 -39.45 7.91
CA SER B 165 -2.18 -39.50 9.20
C SER B 165 -2.46 -40.94 9.68
#